data_6F5M
#
_entry.id   6F5M
#
_cell.length_a   204.557
_cell.length_b   204.557
_cell.length_c   62.155
_cell.angle_alpha   90.00
_cell.angle_beta   90.00
_cell.angle_gamma   120.00
#
_symmetry.space_group_name_H-M   'H 3 2'
#
loop_
_entity.id
_entity.type
_entity.pdbx_description
1 polymer 'Neutrophil elastase'
2 branched alpha-D-mannopyranose-(1-6)-beta-D-mannopyranose-(1-4)-2-acetamido-2-deoxy-beta-D-glucopyranose-(1-4)-[alpha-L-fucopyranose-(1-6)]2-acetamido-2-deoxy-beta-D-glucopyranose
3 branched beta-D-mannopyranose-(1-4)-2-acetamido-2-deoxy-beta-D-glucopyranose-(1-4)-[alpha-L-fucopyranose-(1-6)]2-acetamido-2-deoxy-beta-D-glucopyranose
4 branched alpha-D-mannopyranose-(1-3)-[alpha-D-mannopyranose-(1-6)]beta-D-mannopyranose-(1-4)-2-acetamido-2-deoxy-beta-D-glucopyranose-(1-4)-[alpha-L-fucopyranose-(1-6)]2-acetamido-2-deoxy-beta-D-glucopyranose
5 non-polymer 'SULFATE ION'
6 non-polymer 'ACETATE ION'
7 non-polymer 5-[[4-[[(2~{S})-4-methyl-1-oxidanylidene-1-[(2-propylphenyl)amino]pentan-2-yl]carbamoyl]phenyl]methyl]-2-oxidanylidene-1,3-thiazol-1-ium-4-olate
8 water water
#
_entity_poly.entity_id   1
_entity_poly.type   'polypeptide(L)'
_entity_poly.pdbx_seq_one_letter_code
;IVGGRRARPHAWPFMVSLQLRGGHFCGATLIAPNFVMSAAHCVANVNVRAVRVVLGAHNLSRREPTRQVFAVQRIFENGY
DPVNLLNDIVILQLNGSATINANVQVAQLPAQGRRLGNGVQCLAMGWGLLGRNRGIASVLQELNVTVVTSLCRRSNVCTL
VRGRQAGVCFGDSGSPLVCNGLIHGIASFVRGGCASGLYPDAFAPVAQFVNWIDSIIQ
;
_entity_poly.pdbx_strand_id   A,B
#
loop_
_chem_comp.id
_chem_comp.type
_chem_comp.name
_chem_comp.formula
ACT non-polymer 'ACETATE ION' 'C2 H3 O2 -1'
BMA D-saccharide, beta linking beta-D-mannopyranose 'C6 H12 O6'
CQH non-polymer 5-[[4-[[(2~{S})-4-methyl-1-oxidanylidene-1-[(2-propylphenyl)amino]pentan-2-yl]carbamoyl]phenyl]methyl]-2-oxidanylidene-1,3-thiazol-1-ium-4-olate 'C26 H29 N3 O4 S'
FUC L-saccharide, alpha linking alpha-L-fucopyranose 'C6 H12 O5'
MAN D-saccharide, alpha linking alpha-D-mannopyranose 'C6 H12 O6'
NAG D-saccharide, beta linking 2-acetamido-2-deoxy-beta-D-glucopyranose 'C8 H15 N O6'
SO4 non-polymer 'SULFATE ION' 'O4 S -2'
#
# COMPACT_ATOMS: atom_id res chain seq x y z
N ILE A 1 13.20 3.32 6.64
CA ILE A 1 13.75 3.16 7.98
C ILE A 1 13.60 4.46 8.76
N VAL A 2 13.08 4.36 9.98
CA VAL A 2 12.87 5.50 10.85
C VAL A 2 13.96 5.51 11.92
N GLY A 3 14.65 6.63 12.06
CA GLY A 3 15.70 6.75 13.06
C GLY A 3 16.96 5.99 12.75
N GLY A 4 17.21 5.66 11.49
CA GLY A 4 18.39 4.94 11.09
C GLY A 4 19.53 5.85 10.67
N ARG A 5 20.41 5.31 9.82
CA ARG A 5 21.56 6.04 9.33
C ARG A 5 21.80 5.64 7.88
N ARG A 6 22.56 6.47 7.16
CA ARG A 6 22.92 6.13 5.80
C ARG A 6 23.86 4.93 5.78
N ALA A 7 23.61 4.00 4.87
CA ALA A 7 24.48 2.85 4.72
C ALA A 7 25.67 3.20 3.86
N ARG A 8 26.76 2.47 4.05
CA ARG A 8 27.92 2.65 3.20
C ARG A 8 27.59 2.22 1.77
N PRO A 9 28.11 2.90 0.76
CA PRO A 9 27.79 2.55 -0.63
C PRO A 9 28.09 1.10 -0.94
N HIS A 10 27.04 0.35 -1.28
CA HIS A 10 27.15 -1.07 -1.63
C HIS A 10 27.70 -1.90 -0.48
N ALA A 11 27.38 -1.51 0.76
CA ALA A 11 27.81 -2.28 1.92
C ALA A 11 27.11 -3.63 2.01
N TRP A 12 25.92 -3.74 1.42
CA TRP A 12 25.12 -4.97 1.48
C TRP A 12 24.72 -5.32 0.05
N PRO A 13 25.62 -5.97 -0.70
CA PRO A 13 25.37 -6.21 -2.13
C PRO A 13 24.19 -7.11 -2.42
N PHE A 14 23.59 -7.75 -1.41
CA PHE A 14 22.41 -8.57 -1.62
C PHE A 14 21.12 -7.76 -1.55
N MET A 15 21.19 -6.48 -1.25
CA MET A 15 20.00 -5.66 -1.11
C MET A 15 19.37 -5.40 -2.48
N VAL A 16 18.05 -5.52 -2.54
CA VAL A 16 17.29 -5.44 -3.78
C VAL A 16 16.20 -4.40 -3.62
N SER A 17 15.92 -3.65 -4.68
CA SER A 17 14.82 -2.70 -4.71
C SER A 17 13.80 -3.15 -5.76
N LEU A 18 12.57 -3.36 -5.31
CA LEU A 18 11.47 -3.67 -6.22
C LEU A 18 10.76 -2.37 -6.61
N GLN A 19 10.60 -2.15 -7.91
CA GLN A 19 10.12 -0.88 -8.42
C GLN A 19 9.04 -1.09 -9.46
N LEU A 20 8.13 -0.12 -9.54
CA LEU A 20 7.06 -0.07 -10.54
C LEU A 20 7.25 1.20 -11.35
N ARG A 21 7.79 1.05 -12.56
CA ARG A 21 8.08 2.17 -13.45
C ARG A 21 8.94 3.22 -12.74
N GLY A 22 10.06 2.76 -12.21
CA GLY A 22 11.02 3.63 -11.55
C GLY A 22 10.71 3.98 -10.11
N GLY A 23 9.53 3.63 -9.60
CA GLY A 23 9.13 3.99 -8.26
C GLY A 23 9.29 2.83 -7.30
N HIS A 24 10.11 3.04 -6.28
CA HIS A 24 10.34 2.02 -5.26
C HIS A 24 9.07 1.79 -4.45
N PHE A 25 8.83 0.51 -4.10
CA PHE A 25 7.70 0.16 -3.25
C PHE A 25 8.00 -0.93 -2.23
N CYS A 26 8.96 -1.81 -2.47
CA CYS A 26 9.34 -2.82 -1.49
C CYS A 26 10.81 -3.17 -1.70
N GLY A 27 11.36 -3.88 -0.72
CA GLY A 27 12.72 -4.40 -0.80
C GLY A 27 12.70 -5.91 -0.98
N ALA A 28 13.89 -6.45 -1.28
CA ALA A 28 14.06 -7.88 -1.48
C ALA A 28 15.51 -8.23 -1.20
N THR A 29 15.81 -9.53 -1.27
CA THR A 29 17.14 -10.05 -0.95
C THR A 29 17.55 -11.05 -2.01
N LEU A 30 18.70 -10.83 -2.62
CA LEU A 30 19.23 -11.73 -3.64
C LEU A 30 19.74 -13.00 -2.96
N ILE A 31 19.00 -14.10 -3.14
CA ILE A 31 19.37 -15.38 -2.53
C ILE A 31 19.95 -16.36 -3.53
N ALA A 32 20.03 -15.99 -4.79
CA ALA A 32 20.60 -16.82 -5.83
C ALA A 32 20.85 -15.94 -7.06
N PRO A 33 21.68 -16.39 -8.00
CA PRO A 33 21.91 -15.58 -9.22
C PRO A 33 20.64 -15.25 -9.98
N ASN A 34 19.56 -16.02 -9.81
CA ASN A 34 18.31 -15.76 -10.51
C ASN A 34 17.11 -15.85 -9.57
N PHE A 35 17.32 -15.58 -8.28
CA PHE A 35 16.25 -15.66 -7.30
C PHE A 35 16.39 -14.56 -6.27
N VAL A 36 15.30 -13.84 -6.03
CA VAL A 36 15.19 -12.93 -4.89
C VAL A 36 14.01 -13.37 -4.04
N MET A 37 14.03 -12.96 -2.78
CA MET A 37 12.93 -13.24 -1.87
C MET A 37 12.49 -11.95 -1.20
N SER A 38 11.18 -11.82 -0.99
CA SER A 38 10.58 -10.61 -0.46
C SER A 38 9.36 -11.00 0.36
N ALA A 39 8.58 -10.00 0.77
CA ALA A 39 7.34 -10.26 1.48
C ALA A 39 6.24 -10.55 0.47
N ALA A 40 5.39 -11.54 0.79
CA ALA A 40 4.33 -11.93 -0.13
C ALA A 40 3.32 -10.82 -0.34
N HIS A 41 3.11 -9.97 0.67
CA HIS A 41 2.15 -8.88 0.52
C HIS A 41 2.68 -7.76 -0.35
N CYS A 42 3.94 -7.83 -0.80
CA CYS A 42 4.46 -6.83 -1.72
C CYS A 42 4.02 -7.11 -3.15
N VAL A 43 4.05 -8.39 -3.58
CA VAL A 43 3.68 -8.75 -4.94
C VAL A 43 2.23 -9.19 -5.06
N ALA A 44 1.54 -9.45 -3.94
CA ALA A 44 0.18 -9.95 -3.99
C ALA A 44 -0.81 -8.89 -4.48
N ASN A 45 -0.46 -7.61 -4.39
CA ASN A 45 -1.39 -6.55 -4.73
C ASN A 45 -0.89 -5.62 -5.83
N VAL A 46 0.25 -5.91 -6.44
CA VAL A 46 0.78 -5.10 -7.53
C VAL A 46 0.72 -5.90 -8.83
N ASN A 47 0.85 -5.17 -9.93
CA ASN A 47 0.94 -5.80 -11.25
C ASN A 47 2.34 -6.40 -11.42
N VAL A 48 2.42 -7.74 -11.36
CA VAL A 48 3.71 -8.41 -11.39
C VAL A 48 4.43 -8.20 -12.73
N ARG A 49 3.67 -8.09 -13.83
CA ARG A 49 4.30 -7.90 -15.13
C ARG A 49 5.07 -6.59 -15.23
N ALA A 50 4.75 -5.61 -14.38
CA ALA A 50 5.43 -4.32 -14.39
C ALA A 50 6.51 -4.21 -13.31
N VAL A 51 6.64 -5.24 -12.45
CA VAL A 51 7.63 -5.19 -11.39
C VAL A 51 9.03 -5.31 -11.98
N ARG A 52 9.94 -4.46 -11.54
CA ARG A 52 11.33 -4.49 -11.95
C ARG A 52 12.22 -4.72 -10.74
N VAL A 53 13.14 -5.66 -10.87
CA VAL A 53 14.04 -6.05 -9.79
C VAL A 53 15.36 -5.31 -10.00
N VAL A 54 15.66 -4.38 -9.09
CA VAL A 54 16.84 -3.52 -9.21
C VAL A 54 17.90 -4.02 -8.24
N LEU A 55 19.03 -4.46 -8.77
CA LEU A 55 20.15 -4.97 -7.99
C LEU A 55 21.29 -3.96 -7.99
N GLY A 56 22.12 -4.03 -6.96
CA GLY A 56 23.33 -3.22 -6.91
C GLY A 56 23.10 -1.72 -6.89
N ALA A 57 22.03 -1.28 -6.24
CA ALA A 57 21.71 0.13 -6.15
C ALA A 57 22.11 0.68 -4.79
N HIS A 58 22.10 2.01 -4.68
CA HIS A 58 22.42 2.66 -3.42
C HIS A 58 21.61 3.94 -3.25
N ASN A 59 21.72 4.87 -4.19
CA ASN A 59 20.93 6.10 -4.19
C ASN A 59 19.94 6.01 -5.35
N LEU A 60 18.65 5.92 -5.00
CA LEU A 60 17.61 5.76 -6.02
C LEU A 60 17.30 7.04 -6.77
N SER A 61 17.80 8.18 -6.30
CA SER A 61 17.59 9.44 -6.99
C SER A 61 18.49 9.61 -8.21
N ARG A 62 19.61 8.92 -8.26
CA ARG A 62 20.64 9.12 -9.26
C ARG A 62 20.73 7.92 -10.21
N ARG A 63 21.17 8.20 -11.43
CA ARG A 63 21.62 7.15 -12.32
C ARG A 63 22.81 6.41 -11.70
N GLU A 64 22.78 5.09 -11.77
CA GLU A 64 23.85 4.28 -11.18
C GLU A 64 24.28 3.19 -12.16
N PRO A 65 25.49 3.27 -12.71
CA PRO A 65 25.96 2.22 -13.61
C PRO A 65 26.11 0.87 -12.94
N THR A 66 26.25 0.83 -11.62
CA THR A 66 26.36 -0.43 -10.90
C THR A 66 25.06 -1.21 -10.84
N ARG A 67 23.97 -0.67 -11.37
CA ARG A 67 22.66 -1.30 -11.26
C ARG A 67 22.48 -2.36 -12.32
N GLN A 68 21.86 -3.48 -11.93
CA GLN A 68 21.36 -4.49 -12.84
C GLN A 68 19.86 -4.66 -12.61
N VAL A 69 19.09 -4.58 -13.67
CA VAL A 69 17.62 -4.59 -13.59
C VAL A 69 17.10 -5.84 -14.28
N PHE A 70 16.18 -6.53 -13.62
CA PHE A 70 15.56 -7.74 -14.14
C PHE A 70 14.05 -7.65 -14.01
N ALA A 71 13.37 -8.57 -14.71
CA ALA A 71 11.93 -8.74 -14.58
C ALA A 71 11.62 -10.07 -13.89
N VAL A 72 10.38 -10.20 -13.45
CA VAL A 72 9.93 -11.39 -12.73
C VAL A 72 9.49 -12.44 -13.75
N GLN A 73 9.96 -13.68 -13.56
CA GLN A 73 9.61 -14.78 -14.44
C GLN A 73 8.62 -15.76 -13.82
N ARG A 74 8.66 -15.96 -12.50
CA ARG A 74 7.71 -16.86 -11.85
C ARG A 74 7.68 -16.54 -10.36
N ILE A 75 6.54 -16.86 -9.74
CA ILE A 75 6.28 -16.55 -8.34
C ILE A 75 6.10 -17.84 -7.57
N PHE A 76 6.69 -17.91 -6.37
CA PHE A 76 6.59 -19.07 -5.50
C PHE A 76 6.19 -18.61 -4.11
N GLU A 77 5.07 -19.14 -3.62
CA GLU A 77 4.57 -18.86 -2.28
C GLU A 77 4.51 -20.16 -1.48
N ASN A 78 4.18 -20.01 -0.19
CA ASN A 78 4.17 -21.15 0.74
C ASN A 78 3.11 -20.91 1.81
N GLY A 79 1.84 -21.04 1.41
CA GLY A 79 0.76 -20.91 2.36
C GLY A 79 0.57 -19.49 2.87
N TYR A 80 0.68 -18.50 1.99
CA TYR A 80 0.54 -17.11 2.39
C TYR A 80 -0.89 -16.81 2.80
N ASP A 81 -1.06 -16.37 4.05
CA ASP A 81 -2.36 -15.95 4.55
C ASP A 81 -2.41 -14.43 4.60
N PRO A 82 -3.05 -13.77 3.63
CA PRO A 82 -3.04 -12.30 3.61
C PRO A 82 -3.82 -11.66 4.75
N VAL A 83 -4.72 -12.40 5.40
CA VAL A 83 -5.55 -11.81 6.45
C VAL A 83 -4.73 -11.54 7.70
N ASN A 84 -3.94 -12.52 8.13
CA ASN A 84 -3.12 -12.39 9.32
C ASN A 84 -1.65 -12.17 9.00
N LEU A 85 -1.30 -12.05 7.71
CA LEU A 85 0.09 -11.91 7.27
C LEU A 85 0.95 -13.06 7.78
N LEU A 86 0.40 -14.26 7.75
CA LEU A 86 1.13 -15.47 8.09
C LEU A 86 1.87 -15.98 6.86
N ASN A 87 3.12 -16.42 7.07
CA ASN A 87 3.99 -16.90 6.00
C ASN A 87 4.13 -15.84 4.91
N ASP A 88 4.41 -14.61 5.34
CA ASP A 88 4.52 -13.46 4.44
C ASP A 88 5.88 -13.50 3.74
N ILE A 89 6.05 -14.51 2.90
CA ILE A 89 7.29 -14.71 2.17
C ILE A 89 6.95 -15.11 0.74
N VAL A 90 7.78 -14.66 -0.19
CA VAL A 90 7.60 -14.97 -1.61
C VAL A 90 8.98 -15.03 -2.26
N ILE A 91 9.13 -15.96 -3.20
CA ILE A 91 10.36 -16.11 -3.97
C ILE A 91 10.04 -15.76 -5.42
N LEU A 92 10.89 -14.91 -6.01
CA LEU A 92 10.69 -14.43 -7.37
C LEU A 92 11.83 -14.95 -8.23
N GLN A 93 11.50 -15.76 -9.23
CA GLN A 93 12.49 -16.18 -10.21
C GLN A 93 12.65 -15.08 -11.26
N LEU A 94 13.89 -14.71 -11.53
CA LEU A 94 14.17 -13.63 -12.47
C LEU A 94 14.22 -14.16 -13.90
N ASN A 95 14.05 -13.24 -14.85
CA ASN A 95 14.15 -13.58 -16.27
C ASN A 95 15.58 -13.73 -16.74
N GLY A 96 16.52 -13.92 -15.80
CA GLY A 96 17.92 -14.07 -16.15
C GLY A 96 18.74 -14.23 -14.87
N SER A 97 20.03 -14.43 -15.06
CA SER A 97 20.96 -14.58 -13.96
C SER A 97 21.75 -13.29 -13.76
N ALA A 98 21.90 -12.88 -12.50
CA ALA A 98 22.66 -11.69 -12.18
C ALA A 98 24.15 -11.94 -12.35
N THR A 99 24.88 -10.87 -12.65
CA THR A 99 26.34 -10.91 -12.75
C THR A 99 26.94 -10.62 -11.37
N ILE A 100 27.63 -11.59 -10.80
CA ILE A 100 28.22 -11.44 -9.48
C ILE A 100 29.46 -10.57 -9.59
N ASN A 101 29.47 -9.45 -8.86
CA ASN A 101 30.62 -8.56 -8.81
C ASN A 101 30.74 -8.05 -7.39
N ALA A 102 31.50 -6.95 -7.22
CA ALA A 102 31.66 -6.38 -5.89
C ALA A 102 30.38 -5.77 -5.35
N ASN A 103 29.47 -5.35 -6.24
CA ASN A 103 28.25 -4.66 -5.85
C ASN A 103 27.02 -5.56 -5.82
N VAL A 104 27.08 -6.76 -6.38
CA VAL A 104 25.94 -7.67 -6.48
C VAL A 104 26.40 -9.05 -6.05
N GLN A 105 25.89 -9.53 -4.92
CA GLN A 105 26.30 -10.83 -4.38
C GLN A 105 25.10 -11.53 -3.74
N VAL A 106 25.23 -12.84 -3.62
CA VAL A 106 24.18 -13.69 -3.07
C VAL A 106 24.23 -13.66 -1.55
N ALA A 107 23.06 -13.59 -0.92
CA ALA A 107 22.99 -13.58 0.54
C ALA A 107 23.14 -14.99 1.10
N GLN A 108 23.44 -15.05 2.40
CA GLN A 108 23.63 -16.31 3.11
C GLN A 108 22.44 -16.54 4.02
N LEU A 109 21.85 -17.74 3.95
CA LEU A 109 20.70 -18.05 4.77
C LEU A 109 21.07 -18.99 5.92
N PRO A 110 20.41 -18.88 7.07
CA PRO A 110 20.72 -19.76 8.19
C PRO A 110 20.19 -21.18 7.98
N ALA A 111 20.39 -22.05 8.96
CA ALA A 111 19.91 -23.41 8.87
C ALA A 111 18.43 -23.50 9.24
N GLN A 112 17.76 -24.51 8.70
CA GLN A 112 16.34 -24.74 8.97
C GLN A 112 16.10 -24.93 10.46
N GLY A 113 15.18 -24.16 11.02
CA GLY A 113 14.81 -24.27 12.42
C GLY A 113 15.57 -23.38 13.36
N ARG A 114 16.60 -22.69 12.88
CA ARG A 114 17.43 -21.84 13.75
C ARG A 114 16.60 -20.73 14.39
N ARG A 115 16.55 -20.74 15.72
CA ARG A 115 15.86 -19.71 16.48
C ARG A 115 16.86 -18.68 17.00
N LEU A 116 16.46 -17.42 16.96
CA LEU A 116 17.26 -16.33 17.50
C LEU A 116 16.77 -16.00 18.91
N GLY A 117 17.67 -16.08 19.88
CA GLY A 117 17.32 -15.83 21.25
C GLY A 117 16.99 -14.38 21.51
N ASN A 118 16.37 -14.14 22.67
CA ASN A 118 16.05 -12.78 23.10
C ASN A 118 17.32 -11.98 23.33
N GLY A 119 17.44 -10.85 22.64
CA GLY A 119 18.54 -9.94 22.83
C GLY A 119 19.63 -10.00 21.77
N VAL A 120 19.48 -10.84 20.75
CA VAL A 120 20.48 -10.92 19.70
C VAL A 120 20.48 -9.64 18.89
N GLN A 121 21.67 -9.12 18.59
CA GLN A 121 21.80 -7.87 17.85
C GLN A 121 21.76 -8.15 16.35
N CYS A 122 20.90 -7.41 15.65
CA CYS A 122 20.71 -7.57 14.21
C CYS A 122 20.79 -6.21 13.55
N LEU A 123 20.64 -6.20 12.23
CA LEU A 123 20.69 -4.97 11.45
C LEU A 123 19.56 -5.00 10.42
N ALA A 124 18.64 -4.04 10.52
CA ALA A 124 17.61 -3.85 9.52
C ALA A 124 18.03 -2.77 8.53
N MET A 125 17.43 -2.82 7.35
CA MET A 125 17.79 -1.90 6.28
C MET A 125 16.60 -1.76 5.33
N GLY A 126 16.68 -0.76 4.45
CA GLY A 126 15.66 -0.57 3.45
C GLY A 126 15.64 0.85 2.93
N TRP A 127 14.89 1.02 1.84
CA TRP A 127 14.67 2.32 1.21
C TRP A 127 13.29 2.88 1.51
N GLY A 128 12.73 2.57 2.67
CA GLY A 128 11.37 2.94 3.00
C GLY A 128 11.26 4.38 3.48
N LEU A 129 10.11 4.68 4.05
CA LEU A 129 9.83 6.00 4.59
C LEU A 129 10.71 6.28 5.81
N LEU A 130 10.96 7.56 6.08
CA LEU A 130 11.85 7.98 7.14
C LEU A 130 11.14 8.41 8.41
N GLY A 131 9.82 8.41 8.42
CA GLY A 131 9.05 8.80 9.59
C GLY A 131 8.09 9.94 9.28
N ARG A 132 7.35 10.33 10.31
CA ARG A 132 6.33 11.37 10.17
C ARG A 132 6.96 12.66 9.67
N ASN A 133 6.54 13.11 8.48
CA ASN A 133 7.04 14.34 7.87
C ASN A 133 8.56 14.32 7.70
N ARG A 134 9.12 13.13 7.51
CA ARG A 134 10.55 12.98 7.24
C ARG A 134 10.83 12.59 5.80
N GLY A 135 9.80 12.33 5.00
CA GLY A 135 9.97 11.98 3.61
C GLY A 135 10.33 10.51 3.41
N ILE A 136 10.89 10.22 2.25
CA ILE A 136 11.34 8.88 1.89
C ILE A 136 12.85 8.91 1.70
N ALA A 137 13.48 7.76 1.93
CA ALA A 137 14.93 7.65 1.80
C ALA A 137 15.33 7.60 0.33
N SER A 138 16.43 8.29 0.02
CA SER A 138 17.09 8.18 -1.27
C SER A 138 18.32 7.27 -1.20
N VAL A 139 19.16 7.45 -0.18
CA VAL A 139 20.28 6.58 0.09
C VAL A 139 19.79 5.45 1.00
N LEU A 140 20.36 4.27 0.81
CA LEU A 140 19.97 3.11 1.61
C LEU A 140 20.21 3.37 3.10
N GLN A 141 19.20 3.08 3.90
CA GLN A 141 19.27 3.25 5.35
C GLN A 141 19.51 1.90 6.02
N GLU A 142 20.15 1.94 7.19
CA GLU A 142 20.34 0.76 8.01
C GLU A 142 20.11 1.13 9.47
N LEU A 143 19.79 0.13 10.28
CA LEU A 143 19.37 0.40 11.65
C LEU A 143 19.73 -0.78 12.55
N ASN A 144 20.31 -0.46 13.71
CA ASN A 144 20.61 -1.48 14.72
C ASN A 144 19.36 -1.82 15.51
N VAL A 145 19.04 -3.11 15.58
CA VAL A 145 17.86 -3.60 16.28
C VAL A 145 18.26 -4.73 17.22
N THR A 146 17.33 -5.09 18.09
CA THR A 146 17.51 -6.16 19.07
C THR A 146 16.34 -7.12 18.96
N VAL A 147 16.65 -8.41 18.83
CA VAL A 147 15.61 -9.42 18.70
C VAL A 147 14.85 -9.54 20.01
N VAL A 148 13.52 -9.58 19.93
CA VAL A 148 12.66 -9.73 21.09
C VAL A 148 11.62 -10.80 20.81
N THR A 149 11.24 -11.52 21.85
CA THR A 149 10.16 -12.50 21.77
C THR A 149 8.87 -12.01 22.41
N SER A 150 8.92 -10.89 23.13
CA SER A 150 7.74 -10.33 23.76
C SER A 150 6.89 -9.58 22.73
N LEU A 151 5.57 -9.66 22.88
CA LEU A 151 4.62 -9.05 21.95
C LEU A 151 4.89 -9.53 20.53
N CYS A 152 5.13 -10.84 20.39
CA CYS A 152 5.57 -11.41 19.12
C CYS A 152 5.00 -12.81 18.98
N ARG A 153 4.43 -13.09 17.82
CA ARG A 153 3.95 -14.44 17.53
C ARG A 153 5.12 -15.40 17.34
N ARG A 154 4.87 -16.67 17.65
CA ARG A 154 5.87 -17.71 17.42
C ARG A 154 6.18 -17.89 15.94
N SER A 155 5.29 -17.46 15.05
CA SER A 155 5.50 -17.49 13.62
C SER A 155 6.22 -16.26 13.09
N ASN A 156 6.88 -15.49 13.96
CA ASN A 156 7.56 -14.27 13.55
C ASN A 156 8.88 -14.11 14.30
N VAL A 157 9.76 -13.31 13.70
CA VAL A 157 10.97 -12.82 14.34
C VAL A 157 10.79 -11.32 14.53
N CYS A 158 10.74 -10.87 15.78
CA CYS A 158 10.48 -9.47 16.06
C CYS A 158 11.73 -8.79 16.61
N THR A 159 11.88 -7.52 16.25
CA THR A 159 13.00 -6.70 16.68
C THR A 159 12.47 -5.39 17.25
N LEU A 160 13.30 -4.77 18.08
CA LEU A 160 12.92 -3.52 18.74
C LEU A 160 14.18 -2.68 18.94
N VAL A 161 14.05 -1.38 18.69
CA VAL A 161 15.14 -0.45 18.90
C VAL A 161 15.03 0.07 20.33
N ARG A 162 15.94 -0.38 21.17
CA ARG A 162 15.89 -0.07 22.60
C ARG A 162 16.42 1.33 22.88
N GLY A 163 15.63 2.12 23.59
CA GLY A 163 16.06 3.43 24.04
C GLY A 163 15.54 4.61 23.25
N ARG A 164 14.92 4.37 22.09
CA ARG A 164 14.41 5.46 21.27
C ARG A 164 13.41 4.90 20.26
N GLN A 165 12.58 5.80 19.73
CA GLN A 165 11.54 5.43 18.78
C GLN A 165 12.16 5.32 17.40
N ALA A 166 12.29 4.08 16.91
CA ALA A 166 12.90 3.82 15.61
C ALA A 166 12.44 2.44 15.13
N GLY A 167 12.46 2.26 13.82
CA GLY A 167 12.06 0.98 13.25
C GLY A 167 11.84 1.11 11.75
N VAL A 168 11.39 0.00 11.17
CA VAL A 168 11.10 -0.06 9.75
C VAL A 168 9.77 0.61 9.48
N CYS A 169 9.49 0.91 8.20
CA CYS A 169 8.27 1.63 7.84
C CYS A 169 7.83 1.14 6.47
N PHE A 170 6.79 1.79 5.93
CA PHE A 170 6.32 1.45 4.59
C PHE A 170 7.42 1.63 3.57
N GLY A 171 7.50 0.69 2.63
CA GLY A 171 8.59 0.63 1.68
C GLY A 171 9.77 -0.20 2.14
N ASP A 172 9.87 -0.50 3.44
CA ASP A 172 10.87 -1.42 3.95
C ASP A 172 10.42 -2.87 3.91
N SER A 173 9.14 -3.13 3.64
CA SER A 173 8.64 -4.50 3.54
C SER A 173 9.47 -5.29 2.53
N GLY A 174 9.76 -6.53 2.87
CA GLY A 174 10.57 -7.39 2.03
C GLY A 174 12.07 -7.22 2.18
N SER A 175 12.52 -6.18 2.87
CA SER A 175 13.94 -5.97 3.07
C SER A 175 14.49 -6.99 4.07
N PRO A 176 15.77 -7.34 3.97
CA PRO A 176 16.32 -8.37 4.86
C PRO A 176 16.57 -7.86 6.26
N LEU A 177 16.73 -8.82 7.17
CA LEU A 177 17.16 -8.58 8.55
C LEU A 177 18.42 -9.42 8.77
N VAL A 178 19.57 -8.77 8.83
CA VAL A 178 20.85 -9.46 8.86
C VAL A 178 21.26 -9.68 10.32
N CYS A 179 21.48 -10.93 10.68
CA CYS A 179 21.96 -11.30 12.01
C CYS A 179 23.10 -12.30 11.85
N ASN A 180 24.27 -11.96 12.39
CA ASN A 180 25.47 -12.80 12.29
C ASN A 180 25.81 -13.11 10.83
N GLY A 181 25.62 -12.13 9.96
CA GLY A 181 25.86 -12.33 8.55
C GLY A 181 24.87 -13.24 7.85
N LEU A 182 23.75 -13.55 8.49
CA LEU A 182 22.73 -14.41 7.91
C LEU A 182 21.40 -13.69 7.86
N ILE A 183 20.59 -14.01 6.85
CA ILE A 183 19.30 -13.37 6.64
C ILE A 183 18.27 -14.15 7.45
N HIS A 184 17.96 -13.66 8.65
CA HIS A 184 17.03 -14.34 9.54
C HIS A 184 15.60 -13.83 9.40
N GLY A 185 15.38 -12.67 8.79
CA GLY A 185 14.06 -12.08 8.76
C GLY A 185 13.78 -11.32 7.47
N ILE A 186 12.50 -11.20 7.17
CA ILE A 186 11.99 -10.41 6.05
C ILE A 186 10.97 -9.45 6.61
N ALA A 187 11.21 -8.15 6.45
CA ALA A 187 10.33 -7.13 7.02
C ALA A 187 8.89 -7.35 6.59
N SER A 188 8.00 -7.47 7.57
CA SER A 188 6.61 -7.85 7.29
C SER A 188 5.65 -6.73 7.68
N PHE A 189 5.50 -6.41 8.96
CA PHE A 189 4.51 -5.41 9.35
C PHE A 189 4.91 -4.77 10.68
N VAL A 190 4.38 -3.59 10.91
CA VAL A 190 4.52 -2.89 12.19
C VAL A 190 3.13 -2.79 12.82
N ARG A 191 3.11 -2.29 14.06
CA ARG A 191 1.86 -2.10 14.77
C ARG A 191 1.88 -0.76 15.48
N GLY A 192 0.74 -0.06 15.46
CA GLY A 192 0.68 1.27 16.03
C GLY A 192 1.48 2.30 15.29
N GLY A 193 1.59 2.15 13.97
CA GLY A 193 2.40 3.04 13.17
C GLY A 193 3.89 2.75 13.28
N CYS A 194 4.64 3.34 12.36
CA CYS A 194 6.08 3.17 12.34
C CYS A 194 6.71 3.80 13.58
N ALA A 195 7.72 3.13 14.12
CA ALA A 195 8.49 3.63 15.27
C ALA A 195 7.55 3.96 16.44
N SER A 196 6.62 3.03 16.72
CA SER A 196 5.61 3.26 17.73
C SER A 196 6.20 3.33 19.13
N GLY A 197 7.28 2.59 19.39
CA GLY A 197 7.79 2.47 20.74
C GLY A 197 6.96 1.61 21.66
N LEU A 198 5.86 1.04 21.19
CA LEU A 198 5.00 0.15 21.96
C LEU A 198 5.08 -1.29 21.48
N TYR A 199 5.07 -1.51 20.16
CA TYR A 199 5.11 -2.82 19.54
C TYR A 199 6.43 -3.03 18.80
N PRO A 200 6.98 -4.25 18.82
CA PRO A 200 8.15 -4.54 18.00
C PRO A 200 7.79 -4.75 16.54
N ASP A 201 8.76 -4.52 15.67
CA ASP A 201 8.58 -4.77 14.25
C ASP A 201 8.65 -6.27 13.98
N ALA A 202 7.71 -6.76 13.17
CA ALA A 202 7.58 -8.18 12.90
C ALA A 202 8.20 -8.52 11.55
N PHE A 203 9.04 -9.55 11.54
CA PHE A 203 9.69 -10.03 10.33
C PHE A 203 9.25 -11.46 10.04
N ALA A 204 9.32 -11.83 8.77
CA ALA A 204 9.02 -13.20 8.38
C ALA A 204 10.21 -14.10 8.74
N PRO A 205 9.98 -15.20 9.45
CA PRO A 205 11.11 -16.02 9.91
C PRO A 205 11.70 -16.90 8.82
N VAL A 206 12.77 -16.41 8.19
CA VAL A 206 13.38 -17.13 7.06
C VAL A 206 13.83 -18.52 7.50
N ALA A 207 14.34 -18.64 8.73
CA ALA A 207 14.87 -19.91 9.18
C ALA A 207 13.81 -21.01 9.18
N GLN A 208 12.54 -20.65 9.34
CA GLN A 208 11.46 -21.63 9.32
C GLN A 208 11.10 -22.06 7.89
N PHE A 209 11.67 -21.42 6.87
CA PHE A 209 11.34 -21.73 5.49
C PHE A 209 12.54 -22.18 4.67
N VAL A 210 13.66 -22.53 5.31
CA VAL A 210 14.87 -22.83 4.58
C VAL A 210 14.71 -24.09 3.74
N ASN A 211 14.02 -25.11 4.28
CA ASN A 211 13.78 -26.32 3.52
C ASN A 211 12.96 -26.02 2.26
N TRP A 212 11.96 -25.14 2.38
CA TRP A 212 11.15 -24.79 1.23
C TRP A 212 11.91 -23.91 0.25
N ILE A 213 12.73 -22.99 0.77
CA ILE A 213 13.54 -22.13 -0.10
C ILE A 213 14.54 -22.98 -0.88
N ASP A 214 15.21 -23.92 -0.22
CA ASP A 214 16.17 -24.78 -0.90
C ASP A 214 15.49 -25.64 -1.96
N SER A 215 14.28 -26.11 -1.68
CA SER A 215 13.57 -26.96 -2.62
C SER A 215 13.22 -26.24 -3.92
N ILE A 216 13.37 -24.91 -3.97
CA ILE A 216 13.07 -24.13 -5.15
C ILE A 216 14.32 -23.60 -5.82
N ILE A 217 15.27 -23.08 -5.04
CA ILE A 217 16.45 -22.44 -5.60
C ILE A 217 17.58 -23.43 -5.88
N GLN A 218 17.39 -24.71 -5.58
CA GLN A 218 18.42 -25.71 -5.89
C GLN A 218 18.06 -26.50 -7.15
N ILE B 1 -13.49 -3.55 -6.21
CA ILE B 1 -14.77 -3.99 -5.68
C ILE B 1 -14.91 -5.50 -5.86
N VAL B 2 -15.29 -6.18 -4.78
CA VAL B 2 -15.45 -7.63 -4.77
C VAL B 2 -16.94 -7.94 -4.84
N GLY B 3 -17.33 -8.78 -5.80
CA GLY B 3 -18.72 -9.15 -5.93
C GLY B 3 -19.62 -8.06 -6.50
N GLY B 4 -19.04 -7.08 -7.17
CA GLY B 4 -19.81 -5.99 -7.76
C GLY B 4 -20.20 -6.26 -9.19
N ARG B 5 -20.43 -5.18 -9.92
CA ARG B 5 -20.82 -5.26 -11.33
C ARG B 5 -20.19 -4.11 -12.09
N ARG B 6 -20.15 -4.25 -13.41
CA ARG B 6 -19.66 -3.19 -14.29
C ARG B 6 -20.63 -2.01 -14.26
N ALA B 7 -20.08 -0.81 -14.15
CA ALA B 7 -20.89 0.40 -14.17
C ALA B 7 -21.20 0.81 -15.60
N ARG B 8 -22.29 1.55 -15.76
CA ARG B 8 -22.62 2.12 -17.06
C ARG B 8 -21.52 3.10 -17.48
N PRO B 9 -21.16 3.15 -18.76
CA PRO B 9 -20.09 4.06 -19.20
C PRO B 9 -20.39 5.50 -18.83
N HIS B 10 -19.52 6.06 -17.98
CA HIS B 10 -19.63 7.45 -17.51
C HIS B 10 -20.94 7.69 -16.78
N ALA B 11 -21.42 6.67 -16.05
CA ALA B 11 -22.62 6.84 -15.23
C ALA B 11 -22.36 7.75 -14.03
N TRP B 12 -21.11 7.85 -13.59
CA TRP B 12 -20.74 8.66 -12.44
C TRP B 12 -19.62 9.60 -12.87
N PRO B 13 -19.96 10.71 -13.53
CA PRO B 13 -18.92 11.58 -14.10
C PRO B 13 -18.00 12.21 -13.06
N PHE B 14 -18.31 12.09 -11.78
CA PHE B 14 -17.46 12.58 -10.71
C PHE B 14 -16.41 11.56 -10.27
N MET B 15 -16.43 10.35 -10.82
CA MET B 15 -15.50 9.31 -10.40
C MET B 15 -14.10 9.61 -10.94
N VAL B 16 -13.10 9.46 -10.07
CA VAL B 16 -11.72 9.84 -10.37
C VAL B 16 -10.80 8.66 -10.07
N SER B 17 -9.75 8.52 -10.88
CA SER B 17 -8.71 7.52 -10.66
C SER B 17 -7.39 8.24 -10.37
N LEU B 18 -6.79 7.94 -9.23
CA LEU B 18 -5.46 8.47 -8.89
C LEU B 18 -4.40 7.48 -9.35
N GLN B 19 -3.43 7.97 -10.12
CA GLN B 19 -2.47 7.11 -10.79
C GLN B 19 -1.05 7.62 -10.62
N LEU B 20 -0.11 6.68 -10.62
CA LEU B 20 1.33 6.96 -10.60
C LEU B 20 1.95 6.34 -11.85
N ARG B 21 2.26 7.16 -12.85
CA ARG B 21 2.81 6.72 -14.12
C ARG B 21 1.94 5.64 -14.76
N GLY B 22 0.65 5.98 -14.94
CA GLY B 22 -0.28 5.10 -15.60
C GLY B 22 -0.88 4.02 -14.73
N GLY B 23 -0.39 3.83 -13.51
CA GLY B 23 -0.85 2.76 -12.65
C GLY B 23 -1.81 3.27 -11.59
N HIS B 24 -3.01 2.71 -11.60
CA HIS B 24 -4.04 3.09 -10.62
C HIS B 24 -3.63 2.64 -9.22
N PHE B 25 -3.95 3.49 -8.23
CA PHE B 25 -3.72 3.12 -6.83
C PHE B 25 -4.82 3.57 -5.88
N CYS B 26 -5.56 4.64 -6.18
CA CYS B 26 -6.66 5.06 -5.33
C CYS B 26 -7.70 5.77 -6.19
N GLY B 27 -8.88 5.99 -5.60
CA GLY B 27 -9.94 6.75 -6.22
C GLY B 27 -10.12 8.11 -5.56
N ALA B 28 -10.94 8.94 -6.22
CA ALA B 28 -11.23 10.27 -5.71
C ALA B 28 -12.57 10.71 -6.28
N THR B 29 -13.02 11.90 -5.84
CA THR B 29 -14.32 12.42 -6.22
C THR B 29 -14.17 13.90 -6.57
N LEU B 30 -14.61 14.26 -7.78
CA LEU B 30 -14.54 15.65 -8.23
C LEU B 30 -15.59 16.47 -7.50
N ILE B 31 -15.14 17.32 -6.58
CA ILE B 31 -16.03 18.17 -5.79
C ILE B 31 -16.01 19.61 -6.24
N ALA B 32 -15.18 19.94 -7.23
CA ALA B 32 -15.10 21.28 -7.80
C ALA B 32 -14.32 21.19 -9.12
N PRO B 33 -14.42 22.20 -9.98
CA PRO B 33 -13.65 22.16 -11.24
C PRO B 33 -12.16 21.99 -11.06
N ASN B 34 -11.61 22.31 -9.88
CA ASN B 34 -10.19 22.18 -9.64
C ASN B 34 -9.91 21.51 -8.30
N PHE B 35 -10.84 20.68 -7.82
CA PHE B 35 -10.70 20.01 -6.52
C PHE B 35 -11.27 18.61 -6.59
N VAL B 36 -10.48 17.64 -6.13
CA VAL B 36 -10.96 16.30 -5.87
C VAL B 36 -10.68 15.98 -4.41
N MET B 37 -11.42 15.01 -3.88
CA MET B 37 -11.20 14.56 -2.51
C MET B 37 -11.03 13.06 -2.48
N SER B 38 -10.16 12.58 -1.60
CA SER B 38 -9.83 11.17 -1.50
C SER B 38 -9.49 10.87 -0.04
N ALA B 39 -8.97 9.68 0.20
CA ALA B 39 -8.52 9.30 1.54
C ALA B 39 -7.12 9.82 1.79
N ALA B 40 -6.89 10.31 3.02
CA ALA B 40 -5.59 10.88 3.34
C ALA B 40 -4.49 9.83 3.29
N HIS B 41 -4.81 8.57 3.59
CA HIS B 41 -3.79 7.53 3.54
C HIS B 41 -3.41 7.14 2.12
N CYS B 42 -4.07 7.70 1.11
CA CYS B 42 -3.67 7.45 -0.27
C CYS B 42 -2.50 8.33 -0.69
N VAL B 43 -2.52 9.61 -0.31
CA VAL B 43 -1.46 10.53 -0.70
C VAL B 43 -0.38 10.68 0.36
N ALA B 44 -0.62 10.17 1.58
CA ALA B 44 0.35 10.35 2.65
C ALA B 44 1.62 9.54 2.44
N ASN B 45 1.57 8.49 1.63
CA ASN B 45 2.71 7.59 1.45
C ASN B 45 3.21 7.49 0.02
N VAL B 46 2.66 8.25 -0.91
CA VAL B 46 3.12 8.24 -2.30
C VAL B 46 3.78 9.56 -2.62
N ASN B 47 4.53 9.58 -3.71
CA ASN B 47 5.14 10.81 -4.22
C ASN B 47 4.06 11.68 -4.85
N VAL B 48 3.67 12.76 -4.16
CA VAL B 48 2.58 13.59 -4.64
C VAL B 48 2.94 14.30 -5.94
N ARG B 49 4.23 14.62 -6.13
CA ARG B 49 4.66 15.28 -7.36
C ARG B 49 4.44 14.40 -8.58
N ALA B 50 4.33 13.08 -8.39
CA ALA B 50 4.13 12.14 -9.49
C ALA B 50 2.68 11.70 -9.62
N VAL B 51 1.80 12.14 -8.72
CA VAL B 51 0.39 11.73 -8.79
C VAL B 51 -0.29 12.40 -9.97
N ARG B 52 -1.07 11.61 -10.71
CA ARG B 52 -1.85 12.12 -11.84
C ARG B 52 -3.33 11.87 -11.57
N VAL B 53 -4.14 12.91 -11.76
CA VAL B 53 -5.57 12.86 -11.49
C VAL B 53 -6.29 12.66 -12.83
N VAL B 54 -6.92 11.51 -13.01
CA VAL B 54 -7.56 11.15 -14.26
C VAL B 54 -9.07 11.32 -14.11
N LEU B 55 -9.65 12.22 -14.89
CA LEU B 55 -11.08 12.50 -14.87
C LEU B 55 -11.74 11.94 -16.12
N GLY B 56 -13.03 11.67 -16.00
CA GLY B 56 -13.82 11.24 -17.14
C GLY B 56 -13.38 9.92 -17.74
N ALA B 57 -12.94 8.99 -16.90
CA ALA B 57 -12.49 7.69 -17.36
C ALA B 57 -13.56 6.63 -17.10
N HIS B 58 -13.36 5.46 -17.72
CA HIS B 58 -14.26 4.33 -17.54
C HIS B 58 -13.50 3.01 -17.61
N ASN B 59 -12.82 2.79 -18.73
CA ASN B 59 -12.00 1.60 -18.93
C ASN B 59 -10.53 2.03 -18.92
N LEU B 60 -9.80 1.60 -17.89
CA LEU B 60 -8.40 2.00 -17.75
C LEU B 60 -7.47 1.22 -18.68
N SER B 61 -7.95 0.15 -19.31
CA SER B 61 -7.11 -0.60 -20.23
C SER B 61 -6.95 0.10 -21.57
N ARG B 62 -7.89 0.95 -21.95
CA ARG B 62 -7.92 1.57 -23.26
C ARG B 62 -7.67 3.08 -23.15
N ARG B 63 -7.09 3.63 -24.21
CA ARG B 63 -7.09 5.08 -24.40
C ARG B 63 -8.53 5.58 -24.52
N GLU B 64 -8.82 6.68 -23.85
CA GLU B 64 -10.17 7.25 -23.83
C GLU B 64 -10.09 8.75 -24.09
N PRO B 65 -10.61 9.24 -25.21
CA PRO B 65 -10.58 10.69 -25.47
C PRO B 65 -11.36 11.51 -24.47
N THR B 66 -12.30 10.90 -23.73
CA THR B 66 -13.07 11.61 -22.73
C THR B 66 -12.24 11.95 -21.49
N ARG B 67 -10.99 11.53 -21.42
CA ARG B 67 -10.18 11.72 -20.23
C ARG B 67 -9.57 13.11 -20.18
N GLN B 68 -9.55 13.69 -18.98
CA GLN B 68 -8.79 14.89 -18.68
C GLN B 68 -7.85 14.57 -17.52
N VAL B 69 -6.57 14.88 -17.70
CA VAL B 69 -5.54 14.49 -16.74
C VAL B 69 -4.94 15.74 -16.13
N PHE B 70 -4.82 15.76 -14.80
CA PHE B 70 -4.22 16.86 -14.07
C PHE B 70 -3.19 16.33 -13.10
N ALA B 71 -2.39 17.25 -12.56
CA ALA B 71 -1.45 16.96 -11.48
C ALA B 71 -1.93 17.67 -10.21
N VAL B 72 -1.36 17.25 -9.09
CA VAL B 72 -1.74 17.81 -7.79
C VAL B 72 -0.92 19.07 -7.55
N GLN B 73 -1.61 20.14 -7.14
CA GLN B 73 -0.97 21.42 -6.87
C GLN B 73 -0.84 21.73 -5.38
N ARG B 74 -1.76 21.26 -4.55
CA ARG B 74 -1.70 21.52 -3.13
C ARG B 74 -2.56 20.49 -2.39
N ILE B 75 -2.20 20.23 -1.14
CA ILE B 75 -2.83 19.21 -0.31
C ILE B 75 -3.49 19.87 0.89
N PHE B 76 -4.71 19.43 1.22
CA PHE B 76 -5.45 19.95 2.37
C PHE B 76 -5.94 18.77 3.19
N GLU B 77 -5.53 18.72 4.46
CA GLU B 77 -5.98 17.70 5.40
C GLU B 77 -6.64 18.38 6.59
N ASN B 78 -7.20 17.55 7.48
CA ASN B 78 -7.97 18.06 8.62
C ASN B 78 -7.81 17.09 9.80
N GLY B 79 -6.63 17.12 10.42
CA GLY B 79 -6.36 16.29 11.59
C GLY B 79 -6.24 14.81 11.31
N TYR B 80 -5.59 14.44 10.22
CA TYR B 80 -5.43 13.04 9.86
C TYR B 80 -4.51 12.33 10.85
N ASP B 81 -5.04 11.29 11.50
CA ASP B 81 -4.26 10.46 12.41
C ASP B 81 -3.95 9.14 11.71
N PRO B 82 -2.73 8.94 11.22
CA PRO B 82 -2.44 7.72 10.44
C PRO B 82 -2.46 6.45 11.27
N VAL B 83 -2.35 6.53 12.60
CA VAL B 83 -2.28 5.33 13.41
C VAL B 83 -3.65 4.67 13.51
N ASN B 84 -4.69 5.46 13.78
CA ASN B 84 -6.05 4.97 13.91
C ASN B 84 -6.91 5.25 12.70
N LEU B 85 -6.35 5.86 11.65
CA LEU B 85 -7.10 6.23 10.45
C LEU B 85 -8.32 7.08 10.79
N LEU B 86 -8.13 8.02 11.72
CA LEU B 86 -9.16 8.99 12.03
C LEU B 86 -9.07 10.17 11.07
N ASN B 87 -10.23 10.64 10.62
CA ASN B 87 -10.32 11.76 9.66
C ASN B 87 -9.49 11.47 8.41
N ASP B 88 -9.70 10.28 7.85
CA ASP B 88 -8.95 9.83 6.67
C ASP B 88 -9.55 10.48 5.42
N ILE B 89 -9.37 11.80 5.35
CA ILE B 89 -9.90 12.60 4.25
C ILE B 89 -8.85 13.62 3.83
N VAL B 90 -8.81 13.91 2.54
CA VAL B 90 -7.86 14.88 2.00
C VAL B 90 -8.48 15.53 0.77
N ILE B 91 -8.20 16.82 0.60
CA ILE B 91 -8.64 17.58 -0.56
C ILE B 91 -7.41 17.96 -1.37
N LEU B 92 -7.45 17.72 -2.68
CA LEU B 92 -6.32 17.96 -3.57
C LEU B 92 -6.70 19.03 -4.58
N GLN B 93 -5.97 20.14 -4.57
CA GLN B 93 -6.15 21.15 -5.60
C GLN B 93 -5.38 20.76 -6.85
N LEU B 94 -6.04 20.84 -7.99
CA LEU B 94 -5.43 20.46 -9.26
C LEU B 94 -4.65 21.63 -9.85
N ASN B 95 -3.72 21.32 -10.75
CA ASN B 95 -2.93 22.34 -11.42
C ASN B 95 -3.69 23.04 -12.54
N GLY B 96 -5.02 22.95 -12.51
CA GLY B 96 -5.86 23.56 -13.53
C GLY B 96 -7.30 23.24 -13.23
N SER B 97 -8.18 23.82 -14.04
CA SER B 97 -9.62 23.61 -13.92
C SER B 97 -10.10 22.63 -14.97
N ALA B 98 -10.93 21.68 -14.56
CA ALA B 98 -11.52 20.74 -15.50
C ALA B 98 -12.61 21.42 -16.31
N THR B 99 -12.80 20.94 -17.53
CA THR B 99 -13.89 21.40 -18.37
C THR B 99 -15.11 20.54 -18.09
N ILE B 100 -16.16 21.16 -17.56
CA ILE B 100 -17.37 20.42 -17.21
C ILE B 100 -18.13 20.06 -18.48
N ASN B 101 -18.35 18.77 -18.70
CA ASN B 101 -19.09 18.28 -19.85
C ASN B 101 -19.98 17.13 -19.38
N ALA B 102 -20.46 16.33 -20.34
CA ALA B 102 -21.31 15.21 -20.01
C ALA B 102 -20.54 14.11 -19.29
N ASN B 103 -19.23 14.02 -19.51
CA ASN B 103 -18.43 12.95 -18.95
C ASN B 103 -17.66 13.35 -17.69
N VAL B 104 -17.58 14.65 -17.39
CA VAL B 104 -16.84 15.15 -16.23
C VAL B 104 -17.74 16.16 -15.54
N GLN B 105 -18.19 15.84 -14.34
CA GLN B 105 -19.11 16.70 -13.60
C GLN B 105 -18.79 16.66 -12.11
N VAL B 106 -19.20 17.71 -11.42
CA VAL B 106 -18.95 17.85 -9.99
C VAL B 106 -20.02 17.10 -9.20
N ALA B 107 -19.60 16.38 -8.17
CA ALA B 107 -20.52 15.66 -7.31
C ALA B 107 -21.18 16.61 -6.31
N GLN B 108 -22.29 16.15 -5.73
CA GLN B 108 -23.04 16.90 -4.75
C GLN B 108 -22.82 16.28 -3.36
N LEU B 109 -22.54 17.14 -2.37
CA LEU B 109 -22.24 16.74 -1.01
C LEU B 109 -23.44 16.99 -0.09
N PRO B 110 -23.61 16.18 0.95
CA PRO B 110 -24.73 16.38 1.88
C PRO B 110 -24.51 17.58 2.79
N ALA B 111 -25.46 17.83 3.68
CA ALA B 111 -25.35 18.95 4.60
C ALA B 111 -24.47 18.58 5.79
N GLN B 112 -23.87 19.61 6.39
CA GLN B 112 -23.01 19.41 7.55
C GLN B 112 -23.79 18.78 8.70
N GLY B 113 -23.25 17.67 9.23
CA GLY B 113 -23.85 16.99 10.36
C GLY B 113 -24.84 15.91 10.02
N ARG B 114 -25.22 15.77 8.74
CA ARG B 114 -26.23 14.78 8.34
C ARG B 114 -25.75 13.38 8.67
N ARG B 115 -26.48 12.69 9.55
CA ARG B 115 -26.16 11.33 9.93
C ARG B 115 -27.00 10.35 9.12
N LEU B 116 -26.39 9.24 8.72
CA LEU B 116 -27.07 8.19 7.98
C LEU B 116 -27.53 7.12 8.96
N GLY B 117 -28.84 6.88 8.98
CA GLY B 117 -29.41 5.91 9.88
C GLY B 117 -29.05 4.48 9.51
N ASN B 118 -29.29 3.59 10.46
CA ASN B 118 -29.06 2.16 10.24
C ASN B 118 -29.99 1.62 9.15
N GLY B 119 -29.40 1.04 8.11
CA GLY B 119 -30.17 0.40 7.05
C GLY B 119 -30.33 1.19 5.77
N VAL B 120 -29.73 2.40 5.68
CA VAL B 120 -29.85 3.19 4.46
C VAL B 120 -29.10 2.52 3.32
N GLN B 121 -29.73 2.47 2.15
CA GLN B 121 -29.16 1.83 0.98
C GLN B 121 -28.27 2.81 0.23
N CYS B 122 -27.04 2.40 -0.06
CA CYS B 122 -26.04 3.23 -0.73
C CYS B 122 -25.41 2.45 -1.88
N LEU B 123 -24.50 3.11 -2.58
CA LEU B 123 -23.79 2.51 -3.70
C LEU B 123 -22.31 2.88 -3.62
N ALA B 124 -21.46 1.86 -3.50
CA ALA B 124 -20.01 2.03 -3.54
C ALA B 124 -19.49 1.72 -4.93
N MET B 125 -18.30 2.24 -5.23
CA MET B 125 -17.71 2.08 -6.55
C MET B 125 -16.19 2.20 -6.43
N GLY B 126 -15.51 1.83 -7.51
CA GLY B 126 -14.06 1.96 -7.55
C GLY B 126 -13.43 1.06 -8.58
N TRP B 127 -12.14 1.31 -8.84
CA TRP B 127 -11.33 0.52 -9.75
C TRP B 127 -10.39 -0.42 -9.02
N GLY B 128 -10.77 -0.89 -7.84
CA GLY B 128 -9.88 -1.69 -7.01
C GLY B 128 -9.82 -3.14 -7.43
N LEU B 129 -9.25 -3.96 -6.55
CA LEU B 129 -9.14 -5.38 -6.80
C LEU B 129 -10.53 -6.03 -6.81
N LEU B 130 -10.62 -7.15 -7.51
CA LEU B 130 -11.89 -7.86 -7.70
C LEU B 130 -12.05 -9.05 -6.77
N GLY B 131 -11.06 -9.35 -5.95
CA GLY B 131 -11.14 -10.47 -5.03
C GLY B 131 -9.98 -11.43 -5.21
N ARG B 132 -9.99 -12.48 -4.39
CA ARG B 132 -8.93 -13.47 -4.38
C ARG B 132 -8.78 -14.12 -5.75
N ASN B 133 -7.62 -13.93 -6.37
CA ASN B 133 -7.30 -14.48 -7.69
C ASN B 133 -8.29 -14.01 -8.76
N ARG B 134 -8.84 -12.82 -8.57
CA ARG B 134 -9.72 -12.20 -9.56
C ARG B 134 -9.05 -11.04 -10.29
N GLY B 135 -7.84 -10.67 -9.91
CA GLY B 135 -7.15 -9.58 -10.57
C GLY B 135 -7.65 -8.23 -10.10
N ILE B 136 -7.40 -7.22 -10.94
CA ILE B 136 -7.84 -5.86 -10.66
C ILE B 136 -8.85 -5.46 -11.73
N ALA B 137 -9.73 -4.53 -11.37
CA ALA B 137 -10.76 -4.08 -12.29
C ALA B 137 -10.16 -3.17 -13.36
N SER B 138 -10.63 -3.33 -14.59
CA SER B 138 -10.34 -2.41 -15.68
C SER B 138 -11.48 -1.45 -15.94
N VAL B 139 -12.71 -1.96 -15.96
CA VAL B 139 -13.92 -1.15 -16.04
C VAL B 139 -14.35 -0.80 -14.63
N LEU B 140 -14.92 0.40 -14.46
CA LEU B 140 -15.37 0.85 -13.15
C LEU B 140 -16.42 -0.10 -12.59
N GLN B 141 -16.24 -0.49 -11.33
CA GLN B 141 -17.15 -1.40 -10.65
C GLN B 141 -18.06 -0.63 -9.71
N GLU B 142 -19.26 -1.18 -9.48
CA GLU B 142 -20.19 -0.63 -8.50
C GLU B 142 -20.84 -1.76 -7.74
N LEU B 143 -21.33 -1.44 -6.54
CA LEU B 143 -21.84 -2.46 -5.62
C LEU B 143 -22.90 -1.85 -4.70
N ASN B 144 -24.00 -2.58 -4.54
CA ASN B 144 -25.05 -2.17 -3.61
C ASN B 144 -24.66 -2.55 -2.19
N VAL B 145 -24.69 -1.57 -1.28
CA VAL B 145 -24.32 -1.77 0.11
C VAL B 145 -25.41 -1.20 1.01
N THR B 146 -25.34 -1.55 2.29
CA THR B 146 -26.30 -1.10 3.29
C THR B 146 -25.55 -0.52 4.48
N VAL B 147 -25.95 0.68 4.90
CA VAL B 147 -25.30 1.33 6.02
C VAL B 147 -25.62 0.59 7.31
N VAL B 148 -24.60 0.37 8.13
CA VAL B 148 -24.75 -0.28 9.43
C VAL B 148 -23.98 0.53 10.47
N THR B 149 -24.51 0.55 11.69
CA THR B 149 -23.84 1.20 12.81
C THR B 149 -23.16 0.23 13.76
N SER B 150 -23.43 -1.07 13.63
CA SER B 150 -22.80 -2.07 14.48
C SER B 150 -21.39 -2.38 13.98
N LEU B 151 -20.49 -2.64 14.93
CA LEU B 151 -19.07 -2.86 14.65
C LEU B 151 -18.48 -1.67 13.90
N CYS B 152 -18.85 -0.46 14.33
CA CYS B 152 -18.51 0.74 13.60
C CYS B 152 -18.33 1.88 14.60
N ARG B 153 -17.22 2.60 14.47
CA ARG B 153 -17.03 3.80 15.29
C ARG B 153 -17.96 4.89 14.79
N ARG B 154 -18.39 5.76 15.71
CA ARG B 154 -19.21 6.88 15.28
C ARG B 154 -18.43 7.86 14.40
N SER B 155 -17.11 7.79 14.42
CA SER B 155 -16.27 8.61 13.54
C SER B 155 -16.12 8.01 12.15
N ASN B 156 -16.99 7.05 11.79
CA ASN B 156 -16.94 6.39 10.51
C ASN B 156 -18.37 6.12 10.03
N VAL B 157 -18.51 5.95 8.72
CA VAL B 157 -19.74 5.44 8.11
C VAL B 157 -19.43 4.07 7.54
N CYS B 158 -20.07 3.04 8.08
CA CYS B 158 -19.78 1.67 7.69
C CYS B 158 -20.94 1.08 6.89
N THR B 159 -20.59 0.23 5.93
CA THR B 159 -21.55 -0.46 5.10
C THR B 159 -21.23 -1.95 5.08
N LEU B 160 -22.25 -2.76 4.81
CA LEU B 160 -22.10 -4.20 4.79
C LEU B 160 -23.08 -4.81 3.80
N VAL B 161 -22.60 -5.77 3.01
CA VAL B 161 -23.44 -6.48 2.05
C VAL B 161 -23.94 -7.75 2.74
N ARG B 162 -25.22 -7.74 3.11
CA ARG B 162 -25.81 -8.86 3.84
C ARG B 162 -26.17 -10.00 2.89
N GLY B 163 -25.75 -11.21 3.24
CA GLY B 163 -26.11 -12.40 2.51
C GLY B 163 -25.02 -12.97 1.62
N ARG B 164 -23.92 -12.25 1.42
CA ARG B 164 -22.84 -12.75 0.59
C ARG B 164 -21.58 -11.96 0.91
N GLN B 165 -20.43 -12.55 0.58
CA GLN B 165 -19.14 -11.93 0.84
C GLN B 165 -18.82 -10.93 -0.27
N ALA B 166 -18.89 -9.65 0.04
CA ALA B 166 -18.66 -8.60 -0.95
C ALA B 166 -18.30 -7.31 -0.24
N GLY B 167 -17.56 -6.46 -0.93
CA GLY B 167 -17.16 -5.19 -0.36
C GLY B 167 -16.05 -4.55 -1.19
N VAL B 168 -15.56 -3.43 -0.68
CA VAL B 168 -14.46 -2.71 -1.32
C VAL B 168 -13.16 -3.43 -1.02
N CYS B 169 -12.10 -3.08 -1.73
CA CYS B 169 -10.82 -3.76 -1.57
C CYS B 169 -9.70 -2.76 -1.81
N PHE B 170 -8.46 -3.25 -1.83
CA PHE B 170 -7.31 -2.40 -2.09
C PHE B 170 -7.44 -1.75 -3.46
N GLY B 171 -7.11 -0.46 -3.54
CA GLY B 171 -7.31 0.32 -4.73
C GLY B 171 -8.64 1.05 -4.79
N ASP B 172 -9.61 0.65 -3.96
CA ASP B 172 -10.87 1.36 -3.83
C ASP B 172 -10.80 2.51 -2.82
N SER B 173 -9.72 2.59 -2.03
CA SER B 173 -9.56 3.67 -1.08
C SER B 173 -9.72 5.02 -1.75
N GLY B 174 -10.41 5.94 -1.07
CA GLY B 174 -10.67 7.26 -1.61
C GLY B 174 -11.87 7.34 -2.52
N SER B 175 -12.42 6.22 -2.95
CA SER B 175 -13.57 6.25 -3.84
C SER B 175 -14.83 6.69 -3.09
N PRO B 176 -15.78 7.29 -3.78
CA PRO B 176 -16.98 7.80 -3.09
C PRO B 176 -17.95 6.70 -2.71
N LEU B 177 -18.85 7.05 -1.79
CA LEU B 177 -20.00 6.24 -1.42
C LEU B 177 -21.24 7.09 -1.64
N VAL B 178 -22.00 6.79 -2.69
CA VAL B 178 -23.12 7.62 -3.10
C VAL B 178 -24.39 7.13 -2.42
N CYS B 179 -25.06 8.02 -1.69
CA CYS B 179 -26.34 7.73 -1.06
C CYS B 179 -27.29 8.87 -1.40
N ASN B 180 -28.41 8.53 -2.03
CA ASN B 180 -29.41 9.51 -2.45
C ASN B 180 -28.78 10.59 -3.34
N GLY B 181 -27.86 10.17 -4.20
CA GLY B 181 -27.16 11.10 -5.06
C GLY B 181 -26.18 12.01 -4.37
N LEU B 182 -25.84 11.73 -3.11
CA LEU B 182 -24.91 12.55 -2.35
C LEU B 182 -23.74 11.69 -1.89
N ILE B 183 -22.57 12.32 -1.80
CA ILE B 183 -21.33 11.63 -1.44
C ILE B 183 -21.22 11.66 0.08
N HIS B 184 -21.64 10.57 0.74
CA HIS B 184 -21.63 10.50 2.19
C HIS B 184 -20.39 9.83 2.76
N GLY B 185 -19.62 9.11 1.94
CA GLY B 185 -18.51 8.35 2.45
C GLY B 185 -17.33 8.32 1.50
N ILE B 186 -16.15 8.11 2.08
CA ILE B 186 -14.90 7.95 1.34
C ILE B 186 -14.25 6.67 1.82
N ALA B 187 -14.04 5.72 0.89
CA ALA B 187 -13.50 4.41 1.24
C ALA B 187 -12.19 4.54 2.00
N SER B 188 -12.15 3.95 3.19
CA SER B 188 -11.01 4.11 4.10
C SER B 188 -10.30 2.79 4.36
N PHE B 189 -10.92 1.84 5.05
CA PHE B 189 -10.23 0.60 5.38
C PHE B 189 -11.24 -0.53 5.60
N VAL B 190 -10.76 -1.75 5.43
CA VAL B 190 -11.52 -2.96 5.72
C VAL B 190 -10.86 -3.69 6.88
N ARG B 191 -11.50 -4.78 7.32
CA ARG B 191 -10.97 -5.61 8.40
C ARG B 191 -11.17 -7.07 8.03
N GLY B 192 -10.18 -7.90 8.36
CA GLY B 192 -10.24 -9.31 8.03
C GLY B 192 -10.18 -9.61 6.55
N GLY B 193 -9.47 -8.78 5.78
CA GLY B 193 -9.41 -8.94 4.35
C GLY B 193 -10.66 -8.43 3.65
N CYS B 194 -10.55 -8.29 2.33
CA CYS B 194 -11.67 -7.83 1.53
C CYS B 194 -12.80 -8.86 1.54
N ALA B 195 -14.03 -8.36 1.58
CA ALA B 195 -15.24 -9.20 1.53
C ALA B 195 -15.21 -10.27 2.64
N SER B 196 -14.90 -9.83 3.86
CA SER B 196 -14.78 -10.75 4.97
C SER B 196 -16.13 -11.37 5.35
N GLY B 197 -17.22 -10.62 5.15
CA GLY B 197 -18.53 -11.05 5.62
C GLY B 197 -18.73 -10.95 7.11
N LEU B 198 -17.71 -10.52 7.85
CA LEU B 198 -17.79 -10.33 9.29
C LEU B 198 -17.71 -8.86 9.70
N TYR B 199 -16.83 -8.09 9.07
CA TYR B 199 -16.66 -6.70 9.41
C TYR B 199 -17.18 -5.81 8.30
N PRO B 200 -17.82 -4.69 8.64
CA PRO B 200 -18.23 -3.74 7.60
C PRO B 200 -17.06 -2.91 7.11
N ASP B 201 -17.18 -2.43 5.88
CA ASP B 201 -16.19 -1.53 5.32
C ASP B 201 -16.37 -0.13 5.91
N ALA B 202 -15.27 0.49 6.30
CA ALA B 202 -15.32 1.78 6.97
C ALA B 202 -15.03 2.90 5.99
N PHE B 203 -15.88 3.91 5.98
CA PHE B 203 -15.74 5.08 5.13
C PHE B 203 -15.55 6.33 5.98
N ALA B 204 -14.90 7.33 5.41
CA ALA B 204 -14.77 8.62 6.09
C ALA B 204 -16.08 9.38 6.01
N PRO B 205 -16.60 9.89 7.13
CA PRO B 205 -17.92 10.54 7.11
C PRO B 205 -17.86 11.94 6.50
N VAL B 206 -18.20 12.05 5.21
CA VAL B 206 -18.10 13.32 4.51
C VAL B 206 -18.95 14.38 5.18
N ALA B 207 -20.13 13.99 5.70
CA ALA B 207 -21.05 14.97 6.27
C ALA B 207 -20.44 15.72 7.45
N GLN B 208 -19.52 15.09 8.18
CA GLN B 208 -18.87 15.75 9.30
C GLN B 208 -17.78 16.73 8.89
N PHE B 209 -17.44 16.79 7.61
CA PHE B 209 -16.38 17.67 7.12
C PHE B 209 -16.87 18.67 6.08
N VAL B 210 -18.19 18.85 5.93
CA VAL B 210 -18.70 19.69 4.85
C VAL B 210 -18.35 21.16 5.08
N ASN B 211 -18.42 21.62 6.34
CA ASN B 211 -18.04 23.00 6.65
C ASN B 211 -16.58 23.25 6.30
N TRP B 212 -15.72 22.27 6.58
CA TRP B 212 -14.30 22.43 6.27
C TRP B 212 -14.05 22.35 4.77
N ILE B 213 -14.78 21.48 4.06
CA ILE B 213 -14.63 21.38 2.61
C ILE B 213 -15.06 22.68 1.95
N ASP B 214 -16.18 23.25 2.39
CA ASP B 214 -16.66 24.50 1.81
C ASP B 214 -15.69 25.64 2.05
N SER B 215 -15.04 25.66 3.22
CA SER B 215 -14.09 26.72 3.53
C SER B 215 -12.86 26.71 2.63
N ILE B 216 -12.65 25.66 1.85
CA ILE B 216 -11.49 25.54 0.99
C ILE B 216 -11.85 25.67 -0.48
N ILE B 217 -12.93 25.00 -0.93
CA ILE B 217 -13.27 24.95 -2.34
C ILE B 217 -14.15 26.12 -2.79
N GLN B 218 -14.51 27.02 -1.89
CA GLN B 218 -15.32 28.18 -2.27
C GLN B 218 -14.48 29.43 -2.44
C1 NAG C . 25.33 -1.97 15.22
C2 NAG C . 26.24 -2.23 16.41
C3 NAG C . 27.68 -2.41 15.96
C4 NAG C . 27.77 -3.46 14.88
C5 NAG C . 26.80 -3.14 13.74
C6 NAG C . 26.76 -4.21 12.68
C7 NAG C . 26.12 -1.36 18.71
C8 NAG C . 26.02 -0.13 19.57
N2 NAG C . 26.14 -1.16 17.39
O3 NAG C . 28.49 -2.80 17.07
O4 NAG C . 29.09 -3.54 14.35
O5 NAG C . 25.47 -3.02 14.26
O6 NAG C . 26.00 -5.33 13.11
O7 NAG C . 26.17 -2.49 19.20
C1 NAG C . 29.68 -4.80 14.72
C2 NAG C . 30.87 -5.07 13.81
C3 NAG C . 31.54 -6.38 14.19
C4 NAG C . 31.88 -6.41 15.67
C5 NAG C . 30.65 -6.06 16.51
C6 NAG C . 30.94 -5.93 17.98
C7 NAG C . 30.63 -4.06 11.58
C8 NAG C . 30.15 -4.26 10.18
N2 NAG C . 30.46 -5.09 12.41
O3 NAG C . 32.72 -6.54 13.39
O4 NAG C . 32.32 -7.70 16.06
O5 NAG C . 30.10 -4.79 16.08
O6 NAG C . 29.75 -5.99 18.75
O7 NAG C . 31.15 -3.01 11.94
C1 BMA C . 33.75 -7.81 15.94
C2 BMA C . 34.35 -8.27 17.29
C3 BMA C . 35.85 -8.56 17.12
C4 BMA C . 36.14 -9.44 15.89
C5 BMA C . 35.47 -8.84 14.65
C6 BMA C . 35.64 -9.68 13.39
O2 BMA C . 33.75 -9.48 17.71
O3 BMA C . 36.39 -9.16 18.29
O4 BMA C . 37.54 -9.54 15.68
O5 BMA C . 34.07 -8.72 14.90
O6 BMA C . 34.91 -9.06 12.34
C1 MAN C . 34.54 -10.01 11.33
C2 MAN C . 33.96 -9.21 10.13
C3 MAN C . 32.59 -8.64 10.49
C4 MAN C . 31.66 -9.75 11.02
C5 MAN C . 32.32 -10.43 12.23
C6 MAN C . 31.51 -11.58 12.77
O2 MAN C . 33.73 -10.06 9.00
O3 MAN C . 31.98 -7.98 9.39
O4 MAN C . 30.42 -9.19 11.41
O5 MAN C . 33.61 -10.96 11.84
O6 MAN C . 32.19 -12.12 13.90
C1 FUC C . 26.81 -6.52 12.95
C2 FUC C . 26.14 -7.65 13.76
C3 FUC C . 24.77 -8.00 13.15
C4 FUC C . 24.91 -8.33 11.65
C5 FUC C . 25.66 -7.20 10.94
C6 FUC C . 26.00 -7.54 9.50
O2 FUC C . 26.02 -7.31 15.13
O3 FUC C . 24.23 -9.15 13.79
O4 FUC C . 25.60 -9.55 11.48
O5 FUC C . 26.90 -6.87 11.59
C1 NAG D . 14.76 -9.23 -18.44
C2 NAG D . 15.33 -9.12 -19.86
C3 NAG D . 16.03 -7.78 -20.05
C4 NAG D . 15.12 -6.63 -19.66
C5 NAG D . 14.54 -6.85 -18.26
C6 NAG D . 13.53 -5.80 -17.85
C7 NAG D . 15.90 -11.29 -20.89
C8 NAG D . 16.96 -12.32 -21.07
N2 NAG D . 16.24 -10.22 -20.13
O3 NAG D . 16.44 -7.65 -21.41
O4 NAG D . 15.86 -5.41 -19.67
O5 NAG D . 13.89 -8.13 -18.19
O6 NAG D . 12.45 -5.73 -18.78
O7 NAG D . 14.78 -11.39 -21.39
C1 NAG D . 15.43 -4.53 -20.73
C2 NAG D . 16.14 -3.19 -20.50
C3 NAG D . 15.76 -2.21 -21.61
C4 NAG D . 16.06 -2.81 -22.98
C5 NAG D . 15.34 -4.15 -23.11
C6 NAG D . 15.67 -4.88 -24.41
C7 NAG D . 16.73 -1.97 -18.46
C8 NAG D . 16.23 -1.46 -17.15
N2 NAG D . 15.82 -2.63 -19.20
O3 NAG D . 16.49 -1.00 -21.44
O4 NAG D . 15.63 -1.93 -24.01
O5 NAG D . 15.74 -5.03 -22.04
O6 NAG D . 16.97 -5.43 -24.37
O7 NAG D . 17.88 -1.81 -18.84
C1 BMA D . 16.78 -1.23 -24.54
C2 BMA D . 16.43 -0.66 -25.94
C3 BMA D . 17.59 0.18 -26.46
C4 BMA D . 18.07 1.21 -25.42
C5 BMA D . 18.38 0.50 -24.09
C6 BMA D . 18.79 1.46 -22.98
O2 BMA D . 15.30 0.21 -25.85
O3 BMA D . 17.25 0.85 -27.67
O4 BMA D . 19.24 1.86 -25.88
O5 BMA D . 17.20 -0.19 -23.65
O6 BMA D . 19.52 0.75 -22.00
C1 FUC D . 11.80 -4.44 -18.60
C2 FUC D . 10.99 -4.12 -19.89
C3 FUC D . 9.75 -5.00 -20.00
C4 FUC D . 8.91 -4.89 -18.73
C5 FUC D . 9.77 -5.25 -17.52
C6 FUC D . 9.05 -5.05 -16.19
O2 FUC D . 11.79 -4.22 -21.06
O3 FUC D . 8.93 -4.56 -21.09
O4 FUC D . 8.42 -3.56 -18.59
O5 FUC D . 10.97 -4.45 -17.45
C1 NAG E . -28.94 -0.96 -6.05
C2 NAG E . -30.43 -1.18 -5.89
C3 NAG E . -31.19 -0.49 -7.02
C4 NAG E . -30.79 0.98 -7.11
C5 NAG E . -29.27 1.11 -7.20
C6 NAG E . -28.80 2.54 -7.15
C7 NAG E . -30.98 -3.26 -4.72
C8 NAG E . -31.31 -4.72 -4.86
N2 NAG E . -30.76 -2.60 -5.86
O3 NAG E . -32.59 -0.61 -6.76
O4 NAG E . -31.36 1.59 -8.27
O5 NAG E . -28.64 0.43 -6.10
O6 NAG E . -28.95 3.08 -5.85
O7 NAG E . -30.90 -2.72 -3.62
C1 NAG E . -32.61 2.21 -7.90
C2 NAG E . -32.90 3.40 -8.80
C3 NAG E . -34.25 4.00 -8.46
C4 NAG E . -35.35 2.93 -8.44
C5 NAG E . -34.92 1.73 -7.61
C6 NAG E . -35.89 0.57 -7.73
C7 NAG E . -30.99 4.65 -9.70
C8 NAG E . -29.98 5.73 -9.44
N2 NAG E . -31.85 4.41 -8.72
O3 NAG E . -34.59 5.01 -9.41
O4 NAG E . -36.49 3.48 -7.80
O5 NAG E . -33.64 1.24 -8.03
O6 NAG E . -36.25 0.05 -6.46
O7 NAG E . -31.02 4.03 -10.77
C1 BMA E . -37.53 3.82 -8.73
C2 BMA E . -38.72 3.86 -7.82
C3 BMA E . -39.94 4.54 -8.41
C4 BMA E . -39.62 5.69 -9.40
C5 BMA E . -38.31 5.48 -10.20
C6 BMA E . -37.84 6.76 -10.90
O2 BMA E . -38.39 4.63 -6.65
O3 BMA E . -40.59 5.09 -7.31
O4 BMA E . -40.71 5.83 -10.31
O5 BMA E . -37.29 5.06 -9.33
O6 BMA E . -36.43 6.92 -10.70
C1 MAN E . -42.02 5.11 -7.36
C2 MAN E . -42.33 6.45 -6.77
C3 MAN E . -41.60 6.52 -5.43
C4 MAN E . -42.06 5.36 -4.50
C5 MAN E . -41.97 4.00 -5.24
C6 MAN E . -42.68 2.89 -4.51
O2 MAN E . -43.71 6.57 -6.47
O3 MAN E . -41.76 7.78 -4.80
O4 MAN E . -41.24 5.32 -3.35
O5 MAN E . -42.54 4.09 -6.57
O6 MAN E . -42.18 2.83 -3.17
C1 MAN E . -36.12 8.32 -10.48
C2 MAN E . -35.82 9.00 -11.85
C3 MAN E . -34.43 8.61 -12.34
C4 MAN E . -33.40 8.96 -11.27
C5 MAN E . -33.70 8.17 -10.00
C6 MAN E . -32.74 8.50 -8.87
O2 MAN E . -35.78 10.42 -11.73
O3 MAN E . -34.09 9.24 -13.57
O4 MAN E . -32.10 8.63 -11.73
O5 MAN E . -35.03 8.49 -9.54
O6 MAN E . -32.28 9.85 -9.05
C1 FUC E . -29.58 4.38 -5.96
C2 FUC E . -29.93 4.85 -4.54
C3 FUC E . -28.66 5.15 -3.72
C4 FUC E . -27.78 6.14 -4.48
C5 FUC E . -27.50 5.61 -5.89
C6 FUC E . -26.75 6.60 -6.76
O2 FUC E . -30.76 3.92 -3.84
O3 FUC E . -29.01 5.74 -2.47
O4 FUC E . -28.44 7.39 -4.58
O5 FUC E . -28.72 5.29 -6.59
C1 NAG F . -1.09 19.91 -15.24
C2 NAG F . -0.60 20.60 -16.51
C3 NAG F . -0.84 19.70 -17.71
C4 NAG F . -0.22 18.32 -17.49
C5 NAG F . -0.70 17.74 -16.15
C6 NAG F . -0.01 16.44 -15.80
C7 NAG F . -0.67 23.05 -16.35
C8 NAG F . -1.49 24.28 -16.59
N2 NAG F . -1.25 21.89 -16.69
O3 NAG F . -0.27 20.30 -18.87
O4 NAG F . -0.60 17.44 -18.53
O5 NAG F . -0.43 18.66 -15.09
O6 NAG F . 1.39 16.53 -16.00
O7 NAG F . 0.45 23.10 -15.86
C1 NAG F . 0.50 17.27 -19.44
C2 NAG F . 0.27 15.99 -20.25
C3 NAG F . 1.38 15.83 -21.30
C4 NAG F . 1.54 17.09 -22.13
C5 NAG F . 1.69 18.31 -21.23
C6 NAG F . 1.71 19.61 -22.00
C7 NAG F . -0.76 13.92 -19.45
C8 NAG F . -0.67 12.78 -18.49
N2 NAG F . 0.21 14.83 -19.39
O3 NAG F . 1.08 14.72 -22.13
O4 NAG F . 2.69 16.97 -22.95
O5 NAG F . 0.59 18.38 -20.33
O6 NAG F . 0.56 20.39 -21.72
O7 NAG F . -1.69 14.01 -20.26
C1 BMA F . 2.30 16.90 -24.34
C2 BMA F . 3.58 17.07 -25.20
C3 BMA F . 3.24 16.93 -26.68
C4 BMA F . 2.43 15.65 -26.94
C5 BMA F . 1.20 15.57 -26.00
C6 BMA F . 0.43 14.27 -26.15
O2 BMA F . 4.53 16.07 -24.90
O3 BMA F . 4.41 16.94 -27.49
O4 BMA F . 1.99 15.63 -28.29
O5 BMA F . 1.66 15.66 -24.64
O6 BMA F . -0.95 14.57 -26.10
C1 FUC F . 1.94 15.19 -15.99
C2 FUC F . 3.42 15.28 -16.45
C3 FUC F . 4.28 15.96 -15.37
C4 FUC F . 4.12 15.22 -14.04
C5 FUC F . 2.63 15.17 -13.65
C6 FUC F . 2.38 14.34 -12.40
O2 FUC F . 3.57 15.92 -17.70
O3 FUC F . 5.66 15.92 -15.74
O4 FUC F . 4.63 13.91 -14.15
O5 FUC F . 1.82 14.59 -14.70
S SO4 G . 9.53 3.15 -18.94
O1 SO4 G . 10.37 2.09 -19.49
O2 SO4 G . 10.36 4.12 -18.24
O3 SO4 G . 8.81 3.80 -20.02
O4 SO4 G . 8.57 2.56 -18.00
S SO4 H . 18.82 10.60 3.01
O1 SO4 H . 19.74 11.38 2.20
O2 SO4 H . 19.55 9.93 4.08
O3 SO4 H . 17.81 11.48 3.59
O4 SO4 H . 18.16 9.60 2.18
C ACT I . 2.40 -1.82 -1.20
O ACT I . 2.85 -1.23 -0.18
OXT ACT I . 2.93 -2.75 -1.88
CH3 ACT I . 0.99 -1.35 -1.71
C ACT J . -2.00 -9.35 12.81
O ACT J . -1.02 -9.47 13.60
OXT ACT J . -3.09 -9.98 12.80
CH3 ACT J . -1.85 -8.27 11.69
C11 CQH K . -0.85 -1.54 -9.10
C02 CQH K . 1.17 1.33 -7.32
C03 CQH K . 0.46 1.99 -8.51
C04 CQH K . 0.95 1.40 -9.84
C05 CQH K . 2.05 1.95 -10.49
C06 CQH K . 2.46 1.39 -11.70
C07 CQH K . 1.79 0.32 -12.25
C08 CQH K . 0.68 -0.22 -11.59
C09 CQH K . 0.27 0.33 -10.38
C13 CQH K . -2.09 -2.05 -8.35
C01 CQH K . 0.30 1.30 -6.07
C14 CQH K . -2.04 -1.62 -6.89
C15 CQH K . -3.39 -1.77 -6.20
C16 CQH K . -4.37 -0.69 -6.66
C17 CQH K . -3.23 -1.74 -4.67
C19 CQH K . -2.58 -4.09 -9.71
C21 CQH K . -2.75 -5.61 -9.85
C22 CQH K . -2.70 -6.19 -11.11
C23 CQH K . -2.86 -7.56 -11.24
C24 CQH K . -3.09 -8.36 -10.14
C25 CQH K . -3.27 -9.87 -10.34
C26 CQH K . -3.10 -10.66 -9.04
C28 CQH K . -3.61 -12.11 -6.88
C31 CQH K . -1.74 -11.01 -8.33
C33 CQH K . -3.15 -7.78 -8.88
C34 CQH K . -2.99 -6.41 -8.74
N10 CQH K . -0.88 -0.21 -9.68
N18 CQH K . -2.22 -3.49 -8.44
N30 CQH K . -2.08 -11.90 -6.97
O12 CQH K . 0.12 -2.23 -9.20
O20 CQH K . -2.74 -3.39 -10.65
O29 CQH K . -4.18 -12.70 -6.03
O32 CQH K . -0.47 -10.61 -8.75
S27 CQH K . -4.30 -11.34 -8.18
C11 CQH L . 6.10 5.99 -4.09
C02 CQH L . 3.97 3.09 -5.70
C03 CQH L . 5.33 2.96 -6.39
C04 CQH L . 5.67 4.23 -7.19
C05 CQH L . 5.35 4.34 -8.52
C06 CQH L . 5.68 5.50 -9.21
C07 CQH L . 6.32 6.54 -8.56
C08 CQH L . 6.65 6.42 -7.22
C09 CQH L . 6.33 5.27 -6.53
C13 CQH L . 6.50 5.75 -2.64
C01 CQH L . 3.71 1.96 -4.71
C14 CQH L . 5.66 4.61 -2.04
C15 CQH L . 6.27 4.01 -0.79
C16 CQH L . 7.70 3.52 -1.04
C17 CQH L . 5.40 2.87 -0.25
C19 CQH L . 7.33 8.02 -1.97
C21 CQH L . 7.21 9.30 -1.13
C22 CQH L . 7.69 10.50 -1.62
C23 CQH L . 7.59 11.65 -0.85
C24 CQH L . 7.02 11.61 0.41
C25 CQH L . 6.93 12.89 1.23
C26 CQH L . 5.94 12.77 2.39
C28 CQH L . 4.92 12.43 4.83
C31 CQH L . 4.38 12.93 2.32
C33 CQH L . 6.54 10.40 0.91
C34 CQH L . 6.63 9.25 0.14
N10 CQH L . 6.66 5.11 -5.12
N18 CQH L . 6.35 6.95 -1.84
N30 CQH L . 3.76 12.70 3.85
O12 CQH L . 5.37 6.87 -4.38
O20 CQH L . 8.22 7.92 -2.74
O29 CQH L . 4.82 12.23 5.99
O32 CQH L . 3.63 13.19 1.16
S27 CQH L . 6.33 12.46 3.95
S SO4 M . -13.01 -6.01 -15.78
O1 SO4 M . -11.69 -6.60 -15.92
O2 SO4 M . -12.87 -4.64 -15.28
O3 SO4 M . -13.82 -6.78 -14.84
O4 SO4 M . -13.66 -5.99 -17.08
S SO4 N . 5.44 9.38 -18.70
O1 SO4 N . 6.58 8.81 -19.40
O2 SO4 N . 5.88 10.00 -17.46
O3 SO4 N . 4.80 10.38 -19.55
O4 SO4 N . 4.47 8.32 -18.40
C ACT O . -1.42 2.39 -1.32
O ACT O . -1.47 3.51 -1.90
OXT ACT O . -2.31 1.49 -1.26
CH3 ACT O . -0.09 2.05 -0.58
#